data_2Z3D
#
_entry.id   2Z3D
#
_cell.length_a   108.226
_cell.length_b   81.836
_cell.length_c   53.425
_cell.angle_alpha   90.00
_cell.angle_beta   104.17
_cell.angle_gamma   90.00
#
_symmetry.space_group_name_H-M   'C 1 2 1'
#
loop_
_entity.id
_entity.type
_entity.pdbx_description
1 polymer 'Replicase polyprotein 1ab (pp1ab)'
2 polymer Inhibitor
3 non-polymer GLYCEROL
4 water water
#
loop_
_entity_poly.entity_id
_entity_poly.type
_entity_poly.pdbx_seq_one_letter_code
_entity_poly.pdbx_strand_id
1 'polypeptide(L)'
;SGFRKMAFPSGKVEGCMVQVTCGTTTLNGLWLDDTVYCPRHVICTAEDMLNPNYEDLLIRKSNHSFLVQAGNVQLRVIGH
SMQNCLLRLKVDTSNPKTPKYKFVRIQPGQTFSVLACYNGSPSGVYQCAMRPNHTIKGSFLNGSCGSVGFNIDYDCVSFC
YMHHMELPTGVHAGTDLEGKFYGPFVDRQTAQAAGTDTTITLNVLAWLYAAVINGDRWFLNRFTTTLNDFNLVAMKYNYE
PLTQDHVDILGPLSAQTGIAVLDMCAALKELLQNGMNGRTILGSTILEDEFTPFDVVRQCSGVTFQ
;
A
2 'polypeptide(L)' (ACE)LAA(ECQ) I
#
# COMPACT_ATOMS: atom_id res chain seq x y z
N SER A 1 -8.85 -22.79 8.70
CA SER A 1 -10.06 -21.95 8.41
C SER A 1 -9.87 -20.54 9.03
N GLY A 2 -10.86 -19.69 8.87
CA GLY A 2 -10.74 -18.27 9.25
C GLY A 2 -10.24 -17.43 8.07
N PHE A 3 -10.48 -16.14 8.14
CA PHE A 3 -9.92 -15.24 7.14
C PHE A 3 -9.60 -13.86 7.69
N ARG A 4 -8.33 -13.48 7.67
CA ARG A 4 -7.87 -12.24 8.33
C ARG A 4 -7.05 -11.31 7.40
N LYS A 5 -7.16 -9.99 7.57
CA LYS A 5 -6.18 -9.08 6.92
C LYS A 5 -4.82 -9.42 7.49
N MET A 6 -3.95 -9.92 6.63
CA MET A 6 -2.68 -10.48 7.07
C MET A 6 -1.50 -9.72 6.44
N ALA A 7 -0.50 -9.38 7.24
CA ALA A 7 0.68 -8.70 6.74
C ALA A 7 1.79 -9.72 6.53
N PHE A 8 2.76 -9.39 5.68
CA PHE A 8 3.95 -10.19 5.58
C PHE A 8 4.74 -10.02 6.87
N PRO A 9 5.50 -11.04 7.27
CA PRO A 9 6.42 -10.93 8.38
C PRO A 9 7.46 -9.83 8.11
N SER A 10 7.69 -8.97 9.11
CA SER A 10 8.32 -7.67 8.91
C SER A 10 9.81 -7.60 9.17
N GLY A 11 10.41 -8.69 9.62
CA GLY A 11 11.83 -8.71 10.04
C GLY A 11 12.88 -8.36 9.00
N LYS A 12 12.67 -8.80 7.76
CA LYS A 12 13.58 -8.41 6.67
C LYS A 12 13.57 -6.89 6.50
N VAL A 13 12.41 -6.28 6.62
CA VAL A 13 12.29 -4.81 6.52
C VAL A 13 12.79 -4.10 7.79
N GLU A 14 12.58 -4.70 8.97
CA GLU A 14 12.96 -4.06 10.23
C GLU A 14 14.44 -3.75 10.29
N GLY A 15 15.26 -4.66 9.76
CA GLY A 15 16.73 -4.57 9.81
C GLY A 15 17.34 -3.60 8.79
N CYS A 16 16.46 -2.84 8.15
CA CYS A 16 16.78 -1.85 7.12
C CYS A 16 16.42 -0.43 7.56
N MET A 17 15.66 -0.32 8.65
CA MET A 17 15.16 0.97 9.13
C MET A 17 16.17 1.80 9.94
N VAL A 18 16.34 3.05 9.56
CA VAL A 18 17.25 3.97 10.24
C VAL A 18 16.53 5.29 10.51
N GLN A 19 17.24 6.20 11.17
CA GLN A 19 16.74 7.52 11.49
C GLN A 19 17.58 8.49 10.67
N VAL A 20 16.93 9.51 10.09
CA VAL A 20 17.60 10.55 9.33
C VAL A 20 17.14 11.91 9.87
N THR A 21 18.12 12.72 10.25
CA THR A 21 17.93 14.06 10.76
C THR A 21 18.67 15.08 9.90
N CYS A 22 17.98 16.14 9.52
CA CYS A 22 18.60 17.28 8.90
C CYS A 22 18.10 18.48 9.67
N GLY A 23 19.02 19.20 10.27
CA GLY A 23 18.65 20.34 11.12
C GLY A 23 17.83 19.84 12.29
N THR A 24 16.56 20.27 12.33
CA THR A 24 15.60 19.96 13.39
C THR A 24 14.52 18.94 12.96
N THR A 25 14.50 18.57 11.68
CA THR A 25 13.55 17.55 11.19
C THR A 25 14.17 16.17 11.34
N THR A 26 13.43 15.25 11.99
CA THR A 26 13.83 13.85 12.07
C THR A 26 12.75 12.94 11.47
N LEU A 27 13.18 11.98 10.66
CA LEU A 27 12.29 10.97 10.11
C LEU A 27 13.05 9.66 9.83
N ASN A 28 12.37 8.72 9.17
CA ASN A 28 12.85 7.37 8.98
C ASN A 28 13.47 7.27 7.61
N GLY A 29 14.47 6.42 7.48
CA GLY A 29 15.05 6.19 6.16
C GLY A 29 15.21 4.71 5.95
N LEU A 30 15.32 4.29 4.70
CA LEU A 30 15.50 2.88 4.38
C LEU A 30 16.93 2.60 3.93
N TRP A 31 17.60 1.72 4.68
CA TRP A 31 19.04 1.45 4.49
C TRP A 31 19.26 0.11 3.76
N LEU A 32 19.60 0.19 2.48
CA LEU A 32 19.98 -0.97 1.66
C LEU A 32 21.38 -0.77 1.12
N ASP A 33 22.19 -1.83 1.20
CA ASP A 33 23.61 -1.73 0.87
C ASP A 33 24.18 -0.42 1.44
N ASP A 34 24.87 0.37 0.61
CA ASP A 34 25.51 1.60 1.09
C ASP A 34 24.64 2.85 0.86
N THR A 35 23.33 2.66 0.70
CA THR A 35 22.42 3.77 0.48
C THR A 35 21.35 3.84 1.56
N VAL A 36 20.91 5.05 1.89
CA VAL A 36 19.74 5.26 2.74
C VAL A 36 18.77 6.15 1.95
N TYR A 37 17.56 5.65 1.72
CA TYR A 37 16.49 6.39 1.08
C TYR A 37 15.62 7.08 2.11
N CYS A 38 15.21 8.33 1.84
CA CYS A 38 14.21 9.03 2.67
C CYS A 38 13.48 10.15 1.91
N PRO A 39 12.35 10.66 2.47
CA PRO A 39 11.69 11.83 1.88
C PRO A 39 12.59 13.07 1.80
N ARG A 40 12.62 13.70 0.64
CA ARG A 40 13.44 14.91 0.44
C ARG A 40 12.99 16.03 1.37
N HIS A 41 11.73 16.02 1.83
CA HIS A 41 11.29 17.09 2.73
C HIS A 41 11.93 17.07 4.15
N VAL A 42 12.84 16.11 4.38
CA VAL A 42 13.68 16.12 5.56
C VAL A 42 14.55 17.39 5.58
N ILE A 43 14.87 17.93 4.39
CA ILE A 43 15.64 19.17 4.34
C ILE A 43 14.77 20.41 4.56
N CYS A 44 13.46 20.20 4.77
CA CYS A 44 12.52 21.34 4.92
C CYS A 44 12.17 21.65 6.38
N THR A 45 11.95 22.94 6.65
CA THR A 45 11.28 23.38 7.88
C THR A 45 9.80 23.64 7.56
N ALA A 46 8.98 23.79 8.60
CA ALA A 46 7.55 24.13 8.48
C ALA A 46 7.20 25.25 7.48
N GLU A 47 8.00 26.33 7.47
CA GLU A 47 7.74 27.47 6.56
C GLU A 47 8.10 27.20 5.10
N ASP A 48 9.11 26.36 4.86
CA ASP A 48 9.42 25.97 3.48
C ASP A 48 8.39 25.05 2.87
N MET A 49 7.77 24.21 3.68
CA MET A 49 6.71 23.31 3.20
C MET A 49 5.60 24.03 2.43
N LEU A 50 5.32 25.28 2.77
CA LEU A 50 4.28 26.07 2.09
C LEU A 50 4.60 26.31 0.60
N ASN A 51 5.86 26.57 0.30
CA ASN A 51 6.33 26.76 -1.06
C ASN A 51 7.83 26.44 -1.17
N PRO A 52 8.21 25.14 -1.12
CA PRO A 52 9.63 24.80 -1.11
C PRO A 52 10.22 24.68 -2.53
N ASN A 53 11.48 25.09 -2.67
CA ASN A 53 12.24 24.76 -3.87
C ASN A 53 13.38 23.86 -3.42
N TYR A 54 13.26 22.58 -3.78
CA TYR A 54 14.11 21.52 -3.24
C TYR A 54 15.50 21.55 -3.83
N GLU A 55 15.59 21.93 -5.10
CA GLU A 55 16.87 22.09 -5.76
C GLU A 55 17.68 23.18 -5.05
N ASP A 56 17.01 24.27 -4.68
CA ASP A 56 17.66 25.39 -4.00
C ASP A 56 17.99 25.10 -2.53
N LEU A 57 17.08 24.41 -1.84
CA LEU A 57 17.29 24.01 -0.45
C LEU A 57 18.38 22.94 -0.33
N LEU A 58 18.44 22.03 -1.29
CA LEU A 58 19.42 20.94 -1.24
C LEU A 58 20.85 21.39 -1.48
N ILE A 59 21.05 22.33 -2.41
CA ILE A 59 22.40 22.72 -2.81
C ILE A 59 23.12 23.41 -1.64
N ARG A 60 22.33 23.99 -0.74
CA ARG A 60 22.75 24.53 0.55
C ARG A 60 23.09 23.50 1.63
N LYS A 61 23.14 22.23 1.27
CA LYS A 61 23.43 21.18 2.26
C LYS A 61 24.75 20.50 1.88
N SER A 62 25.49 20.07 2.90
CA SER A 62 26.65 19.20 2.68
C SER A 62 26.30 17.76 3.11
N ASN A 63 27.27 16.87 2.99
CA ASN A 63 27.12 15.51 3.46
C ASN A 63 26.92 15.44 4.97
N HIS A 64 27.65 16.23 5.72
CA HIS A 64 27.52 16.25 7.18
C HIS A 64 26.33 17.08 7.67
N SER A 65 25.59 17.69 6.74
CA SER A 65 24.27 18.24 7.04
C SER A 65 23.25 17.15 7.49
N PHE A 66 23.57 15.89 7.19
CA PHE A 66 22.65 14.76 7.42
C PHE A 66 23.24 13.81 8.45
N LEU A 67 22.44 13.48 9.46
CA LEU A 67 22.81 12.51 10.47
C LEU A 67 21.95 11.28 10.27
N VAL A 68 22.59 10.12 10.07
CA VAL A 68 21.94 8.83 9.91
C VAL A 68 22.36 7.98 11.09
N GLN A 69 21.37 7.40 11.77
CA GLN A 69 21.60 6.59 12.94
C GLN A 69 20.97 5.21 12.79
N ALA A 70 21.77 4.16 12.90
CA ALA A 70 21.29 2.79 12.80
C ALA A 70 21.47 2.10 14.15
N GLY A 71 20.39 2.00 14.91
CA GLY A 71 20.47 1.61 16.33
C GLY A 71 21.12 2.73 17.11
N ASN A 72 22.22 2.42 17.79
CA ASN A 72 23.00 3.46 18.47
C ASN A 72 24.29 3.83 17.71
N VAL A 73 24.38 3.37 16.45
CA VAL A 73 25.56 3.57 15.61
C VAL A 73 25.29 4.71 14.64
N GLN A 74 26.21 5.66 14.56
CA GLN A 74 26.12 6.74 13.58
C GLN A 74 26.70 6.29 12.25
N LEU A 75 25.94 6.44 11.18
CA LEU A 75 26.48 6.21 9.87
C LEU A 75 26.99 7.53 9.30
N ARG A 76 28.12 7.50 8.60
CA ARG A 76 28.62 8.72 8.01
C ARG A 76 28.17 8.82 6.57
N VAL A 77 27.46 9.91 6.27
CA VAL A 77 27.05 10.23 4.88
C VAL A 77 28.27 10.68 4.08
N ILE A 78 28.42 10.12 2.89
CA ILE A 78 29.61 10.37 2.05
C ILE A 78 29.22 10.70 0.62
N GLY A 79 27.93 10.89 0.41
CA GLY A 79 27.41 11.25 -0.90
C GLY A 79 25.92 11.45 -0.74
N HIS A 80 25.34 12.30 -1.58
CA HIS A 80 23.90 12.50 -1.58
C HIS A 80 23.43 13.03 -2.91
N SER A 81 22.28 12.53 -3.34
CA SER A 81 21.65 13.00 -4.55
C SER A 81 20.14 13.01 -4.32
N MET A 82 19.43 13.77 -5.13
CA MET A 82 17.98 13.77 -5.12
C MET A 82 17.47 12.93 -6.28
N GLN A 83 16.49 12.07 -5.98
CA GLN A 83 15.77 11.33 -7.01
C GLN A 83 14.27 11.56 -6.85
N ASN A 84 13.76 12.46 -7.68
CA ASN A 84 12.35 12.84 -7.70
C ASN A 84 12.08 13.39 -6.31
N CYS A 85 11.14 12.79 -5.57
CA CYS A 85 10.80 13.23 -4.20
C CYS A 85 11.56 12.52 -3.06
N LEU A 86 12.60 11.77 -3.41
CA LEU A 86 13.44 11.11 -2.43
C LEU A 86 14.86 11.72 -2.36
N LEU A 87 15.53 11.49 -1.24
CA LEU A 87 16.96 11.66 -1.16
C LEU A 87 17.61 10.29 -1.10
N ARG A 88 18.72 10.16 -1.80
CA ARG A 88 19.58 9.00 -1.68
C ARG A 88 20.86 9.42 -0.97
N LEU A 89 21.10 8.88 0.23
CA LEU A 89 22.27 9.20 1.03
C LEU A 89 23.27 8.06 0.95
N LYS A 90 24.50 8.33 0.50
CA LYS A 90 25.52 7.28 0.50
C LYS A 90 26.15 7.29 1.87
N VAL A 91 26.42 6.10 2.40
CA VAL A 91 26.97 5.95 3.75
C VAL A 91 28.26 5.12 3.69
N ASP A 92 29.09 5.25 4.72
CA ASP A 92 30.37 4.54 4.83
C ASP A 92 30.24 3.02 5.04
N THR A 93 29.04 2.54 5.39
CA THR A 93 28.83 1.11 5.66
C THR A 93 27.68 0.52 4.83
N SER A 94 27.91 -0.66 4.25
CA SER A 94 26.78 -1.40 3.66
C SER A 94 25.94 -2.04 4.76
N ASN A 95 24.62 -1.99 4.65
CA ASN A 95 23.76 -2.70 5.61
C ASN A 95 24.02 -4.21 5.51
N PRO A 96 24.52 -4.83 6.60
CA PRO A 96 24.77 -6.28 6.54
C PRO A 96 23.47 -7.09 6.63
N LYS A 97 22.38 -6.44 7.04
CA LYS A 97 21.08 -7.07 7.08
C LYS A 97 20.30 -6.82 5.80
N THR A 98 20.93 -6.33 4.73
CA THR A 98 20.23 -6.07 3.46
C THR A 98 19.63 -7.38 2.93
N PRO A 99 18.30 -7.42 2.73
CA PRO A 99 17.72 -8.63 2.16
C PRO A 99 17.86 -8.60 0.64
N LYS A 100 17.46 -9.68 -0.02
CA LYS A 100 17.25 -9.67 -1.46
C LYS A 100 16.04 -8.74 -1.67
N TYR A 101 16.15 -7.83 -2.64
CA TYR A 101 15.08 -6.84 -2.82
C TYR A 101 14.88 -6.37 -4.26
N LYS A 102 13.77 -5.67 -4.48
CA LYS A 102 13.41 -5.08 -5.75
C LYS A 102 12.65 -3.83 -5.37
N PHE A 103 12.64 -2.85 -6.26
CA PHE A 103 11.77 -1.69 -6.16
C PHE A 103 10.70 -1.85 -7.20
N VAL A 104 9.45 -1.93 -6.76
CA VAL A 104 8.32 -2.12 -7.69
C VAL A 104 7.35 -0.93 -7.54
N ARG A 105 6.67 -0.57 -8.64
CA ARG A 105 5.58 0.39 -8.57
C ARG A 105 4.26 -0.37 -8.60
N ILE A 106 3.54 -0.28 -7.50
CA ILE A 106 2.29 -1.00 -7.33
C ILE A 106 1.17 -0.29 -8.10
N GLN A 107 0.18 -1.08 -8.54
CA GLN A 107 -0.97 -0.58 -9.29
C GLN A 107 -2.17 -0.40 -8.38
N PRO A 108 -3.10 0.51 -8.73
CA PRO A 108 -4.22 0.72 -7.84
C PRO A 108 -4.94 -0.61 -7.65
N GLY A 109 -5.42 -0.86 -6.43
CA GLY A 109 -6.17 -2.09 -6.15
C GLY A 109 -5.30 -3.14 -5.49
N GLN A 110 -3.98 -3.02 -5.65
CA GLN A 110 -3.05 -3.97 -5.07
C GLN A 110 -2.80 -3.63 -3.60
N THR A 111 -2.36 -4.64 -2.85
CA THR A 111 -2.18 -4.52 -1.42
C THR A 111 -0.70 -4.65 -1.06
N PHE A 112 -0.33 -4.19 0.13
CA PHE A 112 1.03 -4.31 0.60
C PHE A 112 0.99 -4.16 2.11
N SER A 113 2.06 -4.59 2.77
CA SER A 113 2.22 -4.40 4.20
C SER A 113 3.01 -3.13 4.47
N VAL A 114 2.60 -2.39 5.50
CA VAL A 114 3.28 -1.18 5.95
C VAL A 114 3.92 -1.49 7.28
N LEU A 115 5.20 -1.14 7.42
CA LEU A 115 5.83 -1.19 8.72
C LEU A 115 5.92 0.23 9.25
N ALA A 116 4.99 0.65 10.11
CA ALA A 116 5.04 2.00 10.66
C ALA A 116 6.20 2.18 11.63
N CYS A 117 7.05 3.18 11.39
CA CYS A 117 8.23 3.48 12.23
C CYS A 117 8.25 4.92 12.68
N TYR A 118 8.80 5.13 13.87
CA TYR A 118 9.04 6.46 14.44
C TYR A 118 10.45 6.46 14.94
N ASN A 119 11.24 7.48 14.56
CA ASN A 119 12.65 7.63 14.99
C ASN A 119 13.55 6.48 14.52
N GLY A 120 13.23 5.91 13.36
CA GLY A 120 13.92 4.71 12.87
C GLY A 120 13.66 3.41 13.63
N SER A 121 12.72 3.42 14.57
CA SER A 121 12.37 2.19 15.30
C SER A 121 10.98 1.65 14.90
N PRO A 122 10.95 0.44 14.30
CA PRO A 122 9.66 -0.14 13.89
C PRO A 122 8.65 -0.25 15.05
N SER A 123 7.41 0.19 14.83
CA SER A 123 6.43 0.12 15.90
C SER A 123 5.18 -0.73 15.60
N GLY A 124 4.88 -0.99 14.34
CA GLY A 124 3.74 -1.84 14.06
C GLY A 124 3.59 -2.19 12.61
N VAL A 125 2.77 -3.18 12.33
CA VAL A 125 2.67 -3.62 10.96
C VAL A 125 1.21 -3.86 10.63
N TYR A 126 0.81 -3.42 9.44
CA TYR A 126 -0.56 -3.65 8.99
C TYR A 126 -0.57 -3.65 7.46
N GLN A 127 -1.70 -4.11 6.92
CA GLN A 127 -1.92 -4.30 5.51
C GLN A 127 -2.87 -3.22 5.02
N CYS A 128 -2.69 -2.79 3.78
N CYS A 128 -2.61 -2.77 3.78
CA CYS A 128 -3.67 -1.90 3.18
CA CYS A 128 -3.32 -1.68 3.12
C CYS A 128 -3.58 -2.00 1.69
C CYS A 128 -3.60 -2.06 1.68
N ALA A 129 -4.51 -1.34 1.02
CA ALA A 129 -4.59 -1.40 -0.43
C ALA A 129 -4.31 -0.01 -0.97
N MET A 130 -3.64 0.03 -2.11
CA MET A 130 -3.61 1.24 -2.94
C MET A 130 -5.06 1.47 -3.42
N ARG A 131 -5.66 2.57 -3.00
CA ARG A 131 -6.99 2.90 -3.49
C ARG A 131 -6.97 3.34 -4.98
N PRO A 132 -8.09 3.14 -5.71
CA PRO A 132 -8.25 3.75 -7.02
C PRO A 132 -7.86 5.24 -7.07
N ASN A 133 -8.09 6.01 -6.00
CA ASN A 133 -7.69 7.43 -6.01
C ASN A 133 -6.25 7.70 -5.59
N HIS A 134 -5.46 6.63 -5.48
CA HIS A 134 -4.00 6.69 -5.17
C HIS A 134 -3.61 7.07 -3.74
N THR A 135 -4.54 6.89 -2.82
CA THR A 135 -4.29 7.07 -1.41
C THR A 135 -4.35 5.72 -0.73
N ILE A 136 -3.79 5.65 0.49
CA ILE A 136 -3.96 4.48 1.35
C ILE A 136 -4.63 4.94 2.64
N LYS A 137 -5.49 4.08 3.19
CA LYS A 137 -6.10 4.29 4.51
C LYS A 137 -5.20 3.72 5.57
N GLY A 138 -4.14 4.46 5.91
CA GLY A 138 -3.16 3.96 6.85
C GLY A 138 -3.43 4.45 8.25
N SER A 139 -2.48 4.25 9.15
CA SER A 139 -2.53 4.83 10.49
C SER A 139 -1.15 5.43 10.74
N PHE A 140 -1.04 6.74 10.78
CA PHE A 140 0.30 7.35 10.80
C PHE A 140 0.28 8.60 11.64
N LEU A 141 1.29 8.77 12.49
CA LEU A 141 1.36 9.94 13.34
C LEU A 141 2.50 10.81 12.81
N ASN A 142 2.74 11.96 13.44
CA ASN A 142 3.91 12.80 13.13
C ASN A 142 5.16 11.94 13.32
N GLY A 143 6.09 12.01 12.38
CA GLY A 143 7.31 11.20 12.49
C GLY A 143 7.31 9.86 11.77
N SER A 144 6.20 9.50 11.14
CA SER A 144 6.08 8.25 10.38
C SER A 144 6.61 8.35 8.94
C SER A 144 6.59 8.40 8.93
N CYS A 145 6.79 9.58 8.44
N CYS A 145 6.90 9.62 8.48
CA CYS A 145 7.38 9.78 7.09
CA CYS A 145 7.45 9.82 7.15
C CYS A 145 8.58 8.91 6.89
C CYS A 145 8.64 8.92 6.92
N GLY A 146 8.73 8.36 5.67
N GLY A 146 8.75 8.34 5.73
CA GLY A 146 9.82 7.42 5.39
C GLY A 146 9.60 6.00 5.85
N SER A 147 8.49 5.73 6.53
CA SER A 147 7.96 4.37 6.75
C SER A 147 7.63 3.75 5.41
N VAL A 148 7.98 2.46 5.23
CA VAL A 148 7.82 1.83 3.92
C VAL A 148 6.70 0.78 3.85
N GLY A 149 6.24 0.54 2.62
CA GLY A 149 5.30 -0.53 2.27
C GLY A 149 6.05 -1.50 1.39
N PHE A 150 5.65 -2.77 1.45
CA PHE A 150 6.37 -3.88 0.85
C PHE A 150 5.50 -5.11 0.71
N ASN A 151 5.93 -6.03 -0.16
CA ASN A 151 5.35 -7.36 -0.27
C ASN A 151 6.57 -8.26 -0.24
N ILE A 152 6.40 -9.53 0.07
CA ILE A 152 7.54 -10.46 0.12
C ILE A 152 7.23 -11.70 -0.71
N ASP A 153 8.08 -11.98 -1.69
CA ASP A 153 7.97 -13.19 -2.52
C ASP A 153 9.21 -14.06 -2.31
N TYR A 154 9.00 -15.25 -1.75
CA TYR A 154 10.11 -16.16 -1.32
C TYR A 154 10.92 -15.41 -0.27
N ASP A 155 12.22 -15.19 -0.52
CA ASP A 155 12.95 -14.25 0.33
C ASP A 155 13.33 -12.87 -0.23
N CYS A 156 12.64 -12.47 -1.30
CA CYS A 156 12.82 -11.15 -1.92
C CYS A 156 11.77 -10.14 -1.42
N VAL A 157 12.24 -9.03 -0.86
CA VAL A 157 11.34 -7.93 -0.47
C VAL A 157 11.09 -6.99 -1.64
N SER A 158 9.83 -6.88 -2.06
CA SER A 158 9.49 -5.88 -3.05
C SER A 158 8.95 -4.62 -2.40
N PHE A 159 9.80 -3.60 -2.28
CA PHE A 159 9.38 -2.33 -1.71
C PHE A 159 8.57 -1.52 -2.71
N CYS A 160 7.43 -0.97 -2.30
CA CYS A 160 6.55 -0.26 -3.22
C CYS A 160 6.04 1.09 -2.76
N TYR A 161 6.26 1.42 -1.49
CA TYR A 161 5.72 2.65 -0.88
C TYR A 161 6.69 3.22 0.16
N MET A 162 6.86 4.54 0.13
CA MET A 162 7.45 5.29 1.23
C MET A 162 6.48 6.39 1.61
N HIS A 163 6.30 6.60 2.91
CA HIS A 163 5.26 7.50 3.39
C HIS A 163 5.73 8.96 3.38
N HIS A 164 4.86 9.86 2.91
CA HIS A 164 5.21 11.30 2.80
C HIS A 164 4.20 12.19 3.52
N MET A 165 2.90 11.99 3.29
CA MET A 165 1.93 12.93 3.86
C MET A 165 0.53 12.38 4.10
N GLU A 166 -0.24 13.18 4.84
CA GLU A 166 -1.59 12.89 5.20
C GLU A 166 -2.44 14.01 4.62
N LEU A 167 -3.59 13.65 4.05
CA LEU A 167 -4.43 14.60 3.38
C LEU A 167 -5.51 15.00 4.39
N PRO A 168 -6.31 16.04 4.09
CA PRO A 168 -7.25 16.55 5.10
C PRO A 168 -8.36 15.57 5.50
N THR A 169 -8.54 14.50 4.71
CA THR A 169 -9.53 13.49 5.03
C THR A 169 -9.05 12.45 6.04
N GLY A 170 -7.76 12.49 6.36
CA GLY A 170 -7.20 11.47 7.24
C GLY A 170 -6.57 10.27 6.52
N VAL A 171 -6.53 10.29 5.19
CA VAL A 171 -5.92 9.23 4.39
C VAL A 171 -4.55 9.70 3.97
N HIS A 172 -3.77 8.79 3.40
CA HIS A 172 -2.32 8.96 3.27
C HIS A 172 -1.81 8.87 1.81
N ALA A 173 -0.71 9.58 1.53
CA ALA A 173 -0.10 9.68 0.20
C ALA A 173 1.42 9.57 0.32
N GLY A 174 2.05 9.05 -0.70
CA GLY A 174 3.49 8.89 -0.73
C GLY A 174 3.96 8.42 -2.09
N THR A 175 5.11 7.76 -2.13
CA THR A 175 5.84 7.52 -3.38
C THR A 175 6.28 6.06 -3.49
N ASP A 176 6.64 5.63 -4.70
CA ASP A 176 7.43 4.42 -4.88
C ASP A 176 8.86 4.71 -4.41
N LEU A 177 9.74 3.74 -4.59
CA LEU A 177 11.10 3.90 -4.11
C LEU A 177 12.01 4.54 -5.15
N GLU A 178 11.40 5.07 -6.20
CA GLU A 178 12.09 5.96 -7.14
C GLU A 178 11.73 7.42 -6.82
N GLY A 179 10.90 7.62 -5.80
CA GLY A 179 10.52 8.96 -5.37
C GLY A 179 9.39 9.57 -6.16
N LYS A 180 8.76 8.79 -7.03
CA LYS A 180 7.61 9.24 -7.80
C LYS A 180 6.35 8.91 -7.01
N PHE A 181 5.53 9.95 -6.79
CA PHE A 181 4.28 9.88 -6.06
C PHE A 181 3.25 8.96 -6.71
N TYR A 182 2.39 8.40 -5.86
CA TYR A 182 1.17 7.76 -6.32
C TYR A 182 0.13 8.87 -6.36
N GLY A 183 -0.51 9.03 -7.51
CA GLY A 183 -1.59 10.02 -7.69
C GLY A 183 -1.04 11.40 -7.98
N PRO A 184 -1.95 12.40 -8.10
CA PRO A 184 -1.59 13.77 -8.47
C PRO A 184 -1.01 14.63 -7.34
N PHE A 185 -0.45 14.00 -6.30
CA PHE A 185 0.02 14.72 -5.11
C PHE A 185 1.50 15.17 -5.16
N VAL A 186 1.81 16.21 -4.37
CA VAL A 186 3.13 16.82 -4.35
C VAL A 186 3.54 17.03 -2.88
N ASP A 187 4.85 16.94 -2.62
CA ASP A 187 5.40 17.16 -1.27
C ASP A 187 5.60 18.66 -0.98
N ARG A 188 4.48 19.37 -0.94
CA ARG A 188 4.39 20.70 -0.36
C ARG A 188 3.00 20.87 0.29
N GLN A 189 2.91 21.75 1.28
CA GLN A 189 1.66 21.99 2.02
C GLN A 189 0.80 23.00 1.27
N THR A 190 -0.16 22.48 0.50
CA THR A 190 -0.99 23.25 -0.39
C THR A 190 -2.43 22.72 -0.23
N ALA A 191 -3.40 23.36 -0.86
CA ALA A 191 -4.73 22.77 -0.95
C ALA A 191 -4.68 21.73 -2.05
N GLN A 192 -4.57 20.47 -1.64
CA GLN A 192 -4.72 19.33 -2.53
C GLN A 192 -5.47 18.28 -1.70
N ALA A 193 -6.31 17.50 -2.37
CA ALA A 193 -7.22 16.61 -1.66
C ALA A 193 -7.38 15.32 -2.43
N ALA A 194 -7.67 14.23 -1.72
CA ALA A 194 -8.03 12.97 -2.36
C ALA A 194 -9.06 13.21 -3.44
N GLY A 195 -8.88 12.63 -4.61
CA GLY A 195 -9.97 12.53 -5.59
C GLY A 195 -11.03 11.53 -5.11
N THR A 196 -12.17 11.52 -5.80
CA THR A 196 -13.26 10.59 -5.47
C THR A 196 -12.80 9.14 -5.63
N ASP A 197 -13.13 8.33 -4.64
CA ASP A 197 -12.74 6.94 -4.62
C ASP A 197 -13.86 5.98 -5.09
N THR A 198 -13.47 4.77 -5.45
CA THR A 198 -14.41 3.79 -5.93
C THR A 198 -14.04 2.48 -5.25
N THR A 199 -14.97 1.53 -5.24
CA THR A 199 -14.75 0.24 -4.65
C THR A 199 -13.99 -0.62 -5.65
N ILE A 200 -13.04 -1.41 -5.16
CA ILE A 200 -12.26 -2.30 -6.03
C ILE A 200 -13.06 -3.59 -6.28
N THR A 201 -13.76 -3.61 -7.42
CA THR A 201 -14.59 -4.76 -7.85
C THR A 201 -13.86 -6.11 -7.88
N LEU A 202 -12.66 -6.14 -8.43
CA LEU A 202 -11.91 -7.39 -8.57
C LEU A 202 -11.78 -8.03 -7.19
N ASN A 203 -11.24 -7.27 -6.22
CA ASN A 203 -11.13 -7.66 -4.82
C ASN A 203 -12.40 -8.12 -4.10
N VAL A 204 -13.50 -7.38 -4.24
CA VAL A 204 -14.77 -7.83 -3.70
C VAL A 204 -15.06 -9.23 -4.22
N LEU A 205 -14.97 -9.39 -5.54
CA LEU A 205 -15.20 -10.67 -6.19
C LEU A 205 -14.31 -11.79 -5.63
N ALA A 206 -13.01 -11.52 -5.51
CA ALA A 206 -12.05 -12.47 -4.96
C ALA A 206 -12.46 -12.93 -3.56
N TRP A 207 -12.89 -11.98 -2.74
CA TRP A 207 -13.26 -12.21 -1.35
C TRP A 207 -14.58 -12.98 -1.24
N LEU A 208 -15.44 -12.84 -2.24
CA LEU A 208 -16.60 -13.75 -2.36
C LEU A 208 -16.13 -15.18 -2.68
N TYR A 209 -15.17 -15.34 -3.59
CA TYR A 209 -14.54 -16.65 -3.73
C TYR A 209 -13.96 -17.21 -2.45
N ALA A 210 -13.24 -16.38 -1.70
CA ALA A 210 -12.66 -16.78 -0.44
C ALA A 210 -13.73 -17.36 0.46
N ALA A 211 -14.90 -16.71 0.51
CA ALA A 211 -16.02 -17.16 1.33
C ALA A 211 -16.45 -18.57 0.96
N VAL A 212 -16.54 -18.82 -0.34
CA VAL A 212 -16.89 -20.13 -0.89
C VAL A 212 -15.83 -21.22 -0.58
N ILE A 213 -14.54 -20.88 -0.72
CA ILE A 213 -13.45 -21.83 -0.45
C ILE A 213 -13.48 -22.26 1.04
N ASN A 214 -13.90 -21.32 1.90
CA ASN A 214 -13.96 -21.57 3.34
C ASN A 214 -15.27 -22.21 3.74
N GLY A 215 -16.24 -22.24 2.83
CA GLY A 215 -17.43 -23.07 2.98
C GLY A 215 -18.80 -22.42 2.96
N ASP A 216 -18.89 -21.16 2.54
CA ASP A 216 -20.16 -20.44 2.55
C ASP A 216 -20.65 -20.19 1.12
N ARG A 217 -21.91 -20.54 0.83
CA ARG A 217 -22.54 -20.32 -0.49
C ARG A 217 -23.84 -19.51 -0.46
N TRP A 218 -24.20 -18.94 0.67
CA TRP A 218 -25.53 -18.33 0.84
C TRP A 218 -25.92 -17.21 -0.15
N PHE A 219 -24.94 -16.44 -0.62
CA PHE A 219 -25.13 -15.25 -1.48
C PHE A 219 -25.16 -15.61 -2.97
N LEU A 220 -24.99 -16.90 -3.29
CA LEU A 220 -25.07 -17.34 -4.69
C LEU A 220 -26.51 -17.30 -5.20
N ASN A 221 -26.67 -17.29 -6.52
CA ASN A 221 -28.00 -17.32 -7.13
C ASN A 221 -28.03 -18.13 -8.43
N ARG A 222 -29.23 -18.38 -8.97
CA ARG A 222 -29.40 -19.17 -10.21
C ARG A 222 -29.19 -18.36 -11.48
N PHE A 223 -28.70 -17.12 -11.34
CA PHE A 223 -28.60 -16.22 -12.47
C PHE A 223 -27.19 -16.11 -13.00
N THR A 224 -27.08 -15.50 -14.18
CA THR A 224 -25.79 -15.10 -14.76
C THR A 224 -25.94 -13.69 -15.33
N THR A 225 -24.84 -13.08 -15.74
CA THR A 225 -24.90 -11.74 -16.28
C THR A 225 -23.89 -11.59 -17.40
N THR A 226 -24.14 -10.64 -18.29
CA THR A 226 -23.11 -10.20 -19.21
C THR A 226 -22.18 -9.27 -18.47
N LEU A 227 -20.95 -9.17 -18.96
CA LEU A 227 -19.97 -8.25 -18.44
C LEU A 227 -20.54 -6.81 -18.46
N ASN A 228 -21.24 -6.47 -19.53
CA ASN A 228 -21.77 -5.11 -19.73
C ASN A 228 -22.96 -4.73 -18.87
N ASP A 229 -23.89 -5.68 -18.68
CA ASP A 229 -25.03 -5.49 -17.79
C ASP A 229 -24.60 -5.38 -16.32
N PHE A 230 -23.55 -6.10 -15.94
CA PHE A 230 -22.98 -5.93 -14.60
C PHE A 230 -22.43 -4.52 -14.37
N ASN A 231 -21.73 -3.98 -15.37
CA ASN A 231 -21.09 -2.67 -15.24
C ASN A 231 -22.07 -1.51 -15.14
N LEU A 232 -23.25 -1.67 -15.73
CA LEU A 232 -24.31 -0.69 -15.60
C LEU A 232 -24.81 -0.64 -14.17
N VAL A 233 -24.80 -1.80 -13.50
CA VAL A 233 -25.16 -1.90 -12.09
C VAL A 233 -23.98 -1.39 -11.27
N ALA A 234 -22.79 -1.92 -11.53
CA ALA A 234 -21.55 -1.52 -10.84
C ALA A 234 -21.46 -0.02 -10.70
N MET A 235 -21.49 0.64 -11.84
CA MET A 235 -21.29 2.08 -11.93
C MET A 235 -22.30 2.92 -11.13
N LYS A 236 -23.53 2.41 -10.97
CA LYS A 236 -24.50 3.11 -10.13
C LYS A 236 -24.22 2.92 -8.63
N TYR A 237 -23.47 1.87 -8.28
CA TYR A 237 -23.10 1.60 -6.89
C TYR A 237 -21.67 2.02 -6.54
N ASN A 238 -21.05 2.77 -7.46
CA ASN A 238 -19.67 3.25 -7.35
C ASN A 238 -18.58 2.15 -7.18
N TYR A 239 -18.79 1.07 -7.93
CA TYR A 239 -17.76 0.07 -8.13
C TYR A 239 -16.97 0.38 -9.41
N GLU A 240 -15.70 0.00 -9.47
CA GLU A 240 -14.92 0.11 -10.71
C GLU A 240 -15.56 -0.79 -11.74
N PRO A 241 -15.48 -0.43 -13.06
CA PRO A 241 -16.01 -1.38 -14.03
C PRO A 241 -15.14 -2.62 -14.08
N LEU A 242 -15.77 -3.77 -14.30
CA LEU A 242 -15.06 -5.01 -14.48
C LEU A 242 -14.73 -5.20 -15.97
N THR A 243 -13.51 -5.68 -16.20
CA THR A 243 -12.96 -5.84 -17.52
C THR A 243 -12.75 -7.31 -17.72
N GLN A 244 -12.55 -7.71 -18.98
CA GLN A 244 -12.22 -9.09 -19.31
C GLN A 244 -10.93 -9.55 -18.65
N ASP A 245 -9.95 -8.65 -18.53
CA ASP A 245 -8.71 -8.94 -17.80
C ASP A 245 -8.92 -9.30 -16.31
N HIS A 246 -9.85 -8.60 -15.64
CA HIS A 246 -10.24 -8.93 -14.25
C HIS A 246 -10.96 -10.26 -14.18
N VAL A 247 -11.88 -10.49 -15.13
CA VAL A 247 -12.56 -11.79 -15.31
C VAL A 247 -11.50 -12.90 -15.47
N ASP A 248 -10.49 -12.67 -16.31
CA ASP A 248 -9.36 -13.60 -16.50
C ASP A 248 -8.61 -13.94 -15.22
N ILE A 249 -8.17 -12.93 -14.48
CA ILE A 249 -7.41 -13.08 -13.23
C ILE A 249 -8.14 -14.00 -12.24
N LEU A 250 -9.47 -13.92 -12.25
CA LEU A 250 -10.32 -14.72 -11.36
C LEU A 250 -10.42 -16.19 -11.76
N GLY A 251 -9.70 -16.58 -12.81
CA GLY A 251 -9.71 -17.94 -13.35
C GLY A 251 -9.44 -19.09 -12.38
N PRO A 252 -8.25 -19.10 -11.73
CA PRO A 252 -7.91 -20.05 -10.66
C PRO A 252 -8.93 -20.16 -9.54
N LEU A 253 -9.41 -19.03 -9.01
CA LEU A 253 -10.45 -19.04 -7.96
C LEU A 253 -11.78 -19.62 -8.49
N SER A 254 -12.09 -19.27 -9.74
CA SER A 254 -13.27 -19.78 -10.43
C SER A 254 -13.17 -21.31 -10.55
N ALA A 255 -12.00 -21.78 -10.99
CA ALA A 255 -11.71 -23.21 -11.15
C ALA A 255 -11.70 -23.99 -9.83
N GLN A 256 -11.23 -23.39 -8.74
CA GLN A 256 -11.25 -24.07 -7.43
C GLN A 256 -12.66 -24.27 -6.86
N THR A 257 -13.59 -23.38 -7.18
CA THR A 257 -14.95 -23.42 -6.59
C THR A 257 -16.04 -23.91 -7.56
N GLY A 258 -15.70 -23.99 -8.84
CA GLY A 258 -16.69 -24.37 -9.85
C GLY A 258 -17.75 -23.31 -10.10
N ILE A 259 -17.46 -22.05 -9.74
CA ILE A 259 -18.39 -20.94 -9.98
C ILE A 259 -17.83 -20.05 -11.08
N ALA A 260 -18.61 -19.92 -12.16
CA ALA A 260 -18.20 -19.11 -13.31
C ALA A 260 -18.13 -17.65 -12.87
N VAL A 261 -17.10 -16.92 -13.32
CA VAL A 261 -16.89 -15.52 -12.90
C VAL A 261 -18.16 -14.67 -13.06
N LEU A 262 -18.81 -14.78 -14.21
CA LEU A 262 -20.00 -13.96 -14.49
C LEU A 262 -21.19 -14.40 -13.65
N ASP A 263 -21.14 -15.64 -13.17
CA ASP A 263 -22.09 -16.15 -12.20
C ASP A 263 -21.83 -15.57 -10.81
N MET A 264 -20.57 -15.49 -10.40
CA MET A 264 -20.25 -14.71 -9.20
C MET A 264 -20.55 -13.22 -9.33
N CYS A 265 -20.43 -12.69 -10.55
CA CYS A 265 -20.78 -11.30 -10.86
C CYS A 265 -22.30 -11.05 -10.71
N ALA A 266 -23.12 -12.02 -11.14
CA ALA A 266 -24.56 -11.99 -10.86
C ALA A 266 -24.84 -12.05 -9.36
N ALA A 267 -24.10 -12.92 -8.66
CA ALA A 267 -24.23 -12.98 -7.22
C ALA A 267 -23.91 -11.63 -6.55
N LEU A 268 -22.81 -10.97 -6.96
CA LEU A 268 -22.47 -9.61 -6.50
C LEU A 268 -23.58 -8.61 -6.88
N LYS A 269 -23.98 -8.63 -8.14
CA LYS A 269 -24.99 -7.72 -8.64
C LYS A 269 -26.21 -7.79 -7.71
N GLU A 270 -26.58 -8.99 -7.29
CA GLU A 270 -27.73 -9.16 -6.39
C GLU A 270 -27.47 -8.64 -4.96
N LEU A 271 -26.25 -8.84 -4.46
CA LEU A 271 -25.85 -8.27 -3.17
C LEU A 271 -25.92 -6.74 -3.15
N LEU A 272 -25.60 -6.10 -4.28
CA LEU A 272 -25.65 -4.64 -4.41
C LEU A 272 -27.09 -4.12 -4.38
N GLN A 273 -27.95 -4.76 -5.16
CA GLN A 273 -29.36 -4.40 -5.25
C GLN A 273 -30.17 -4.74 -4.00
N ASN A 274 -29.90 -5.91 -3.41
CA ASN A 274 -30.74 -6.44 -2.31
C ASN A 274 -30.17 -6.30 -0.89
N GLY A 275 -28.92 -5.87 -0.81
CA GLY A 275 -28.23 -5.80 0.46
C GLY A 275 -27.90 -7.17 1.01
N MET A 276 -27.39 -7.19 2.23
CA MET A 276 -27.09 -8.43 2.90
C MET A 276 -28.16 -8.67 3.96
N ASN A 277 -28.62 -7.56 4.54
CA ASN A 277 -29.55 -7.53 5.68
C ASN A 277 -29.41 -8.63 6.74
N GLY A 278 -28.67 -8.29 7.80
CA GLY A 278 -28.51 -9.15 8.96
C GLY A 278 -27.46 -10.21 8.79
N ARG A 279 -27.16 -10.55 7.53
CA ARG A 279 -26.24 -11.63 7.25
C ARG A 279 -24.81 -11.11 7.06
N THR A 280 -23.86 -12.00 7.31
CA THR A 280 -22.45 -11.67 7.21
C THR A 280 -21.78 -12.58 6.17
N ILE A 281 -20.66 -12.11 5.61
CA ILE A 281 -19.81 -12.91 4.75
C ILE A 281 -18.41 -12.87 5.36
N LEU A 282 -17.84 -14.05 5.62
CA LEU A 282 -16.53 -14.16 6.28
C LEU A 282 -16.41 -13.25 7.53
N GLY A 283 -17.48 -13.20 8.30
CA GLY A 283 -17.53 -12.39 9.51
C GLY A 283 -17.98 -10.97 9.25
N SER A 284 -17.93 -10.55 7.99
CA SER A 284 -18.19 -9.15 7.66
C SER A 284 -19.62 -8.83 7.28
N THR A 285 -20.08 -7.74 7.89
CA THR A 285 -21.34 -7.07 7.65
C THR A 285 -21.38 -6.35 6.29
N ILE A 286 -20.21 -5.97 5.76
CA ILE A 286 -20.12 -5.25 4.48
C ILE A 286 -19.29 -5.99 3.43
N LEU A 287 -19.32 -5.51 2.19
CA LEU A 287 -18.52 -6.12 1.13
C LEU A 287 -17.10 -5.57 1.23
N GLU A 288 -16.15 -6.47 1.42
CA GLU A 288 -14.75 -6.12 1.62
C GLU A 288 -13.93 -6.03 0.31
N ASP A 289 -13.09 -5.00 0.14
CA ASP A 289 -12.35 -4.83 -1.12
C ASP A 289 -10.84 -4.65 -0.96
N GLU A 290 -10.31 -4.98 0.22
CA GLU A 290 -8.87 -4.90 0.43
C GLU A 290 -8.10 -6.25 0.45
N PHE A 291 -8.70 -7.29 -0.13
CA PHE A 291 -7.98 -8.53 -0.49
C PHE A 291 -7.92 -8.75 -2.03
N THR A 292 -6.74 -8.72 -2.62
CA THR A 292 -6.57 -9.14 -4.01
C THR A 292 -6.91 -10.64 -4.23
N PRO A 293 -7.19 -11.08 -5.48
CA PRO A 293 -7.15 -12.50 -5.82
C PRO A 293 -5.88 -13.23 -5.30
N PHE A 294 -4.71 -12.61 -5.44
CA PHE A 294 -3.47 -13.14 -4.90
C PHE A 294 -3.49 -13.34 -3.36
N ASP A 295 -3.99 -12.35 -2.63
CA ASP A 295 -4.14 -12.44 -1.18
C ASP A 295 -5.05 -13.61 -0.79
N VAL A 296 -6.08 -13.87 -1.57
CA VAL A 296 -6.97 -14.98 -1.30
C VAL A 296 -6.30 -16.35 -1.54
N VAL A 297 -5.69 -16.54 -2.71
CA VAL A 297 -4.92 -17.78 -2.99
C VAL A 297 -3.83 -18.08 -1.92
N ARG A 298 -3.05 -17.07 -1.55
CA ARG A 298 -1.99 -17.15 -0.54
C ARG A 298 -2.52 -17.60 0.82
N GLN A 299 -3.66 -17.04 1.23
CA GLN A 299 -4.18 -17.32 2.57
C GLN A 299 -5.12 -18.52 2.67
N CYS A 300 -6.01 -18.69 1.70
CA CYS A 300 -6.96 -19.80 1.74
C CYS A 300 -6.35 -21.17 1.47
N SER A 301 -7.09 -22.20 1.90
CA SER A 301 -6.76 -23.57 1.58
C SER A 301 -6.86 -23.73 0.06
N GLY A 302 -6.04 -24.61 -0.50
CA GLY A 302 -6.13 -24.97 -1.93
C GLY A 302 -7.26 -25.97 -2.11
N VAL A 303 -7.87 -26.38 -1.02
CA VAL A 303 -8.95 -27.37 -1.05
C VAL A 303 -10.23 -26.74 -0.49
N THR A 304 -11.23 -26.62 -1.38
CA THR A 304 -12.55 -26.08 -1.06
C THR A 304 -13.32 -26.96 -0.06
N PHE A 305 -13.97 -26.32 0.90
CA PHE A 305 -14.92 -26.99 1.81
C PHE A 305 -16.26 -27.07 1.10
N GLN A 306 -16.44 -28.17 0.38
CA GLN A 306 -17.59 -28.36 -0.51
C GLN A 306 -18.87 -28.68 0.24
N LEU B 2 -3.40 17.69 5.63
CA LEU B 2 -2.54 17.79 4.41
C LEU B 2 -1.06 18.01 4.75
N ALA B 3 -0.71 17.55 5.94
CA ALA B 3 0.60 17.76 6.49
C ALA B 3 1.57 16.70 5.98
N ALA B 4 2.80 17.12 5.68
CA ALA B 4 3.90 16.19 5.55
C ALA B 4 4.08 15.55 6.92
#